data_8X41
#
_entry.id   8X41
#
_cell.length_a   120.380
_cell.length_b   77.260
_cell.length_c   94.229
_cell.angle_alpha   90.00
_cell.angle_beta   119.95
_cell.angle_gamma   90.00
#
_symmetry.space_group_name_H-M   'C 1 2 1'
#
loop_
_entity.id
_entity.type
_entity.pdbx_description
1 polymer 'Probable ribosomal RNA small subunit methyltransferase A'
2 non-polymer "5'-DEOXY-5'-METHYLTHIOADENOSINE"
3 non-polymer ADENOSINE
4 non-polymer 'ZINC ION'
5 non-polymer 'CHLORIDE ION'
6 non-polymer 'SULFITE ION'
7 non-polymer GLYCEROL
8 non-polymer 1,2-ETHANEDIOL
9 non-polymer 'ACETATE ION'
10 non-polymer ARGININE
11 non-polymer DI(HYDROXYETHYL)ETHER
12 water water
#
_entity_poly.entity_id   1
_entity_poly.type   'polypeptide(L)'
_entity_poly.pdbx_seq_one_letter_code
;MSSRIRINTKSLLVQPGYSGSKMRDRLFFLLSKYGIRPRDSIGQHFLIIEDVIEKAIETANVNENDVILEVGPGLGFLTD
ELAKRAKKVYTIEIDQKIIEILKKEYSWNNVKIIQGDAVRVEWPKFNKVVSNIPYKISSPFTFKLLKTDFERAVVMYQLE
FALRMVAKPGSRNYSRLSLMAQALGNVEIVMKIGKGAFYPRPKVDSALVLIEPRKDKIVLNENLVKALFQHRRKTVPRAL
KDSIHMLGVSKDEIRGIINNVPHSNKRVFQLYPEEVKDIEEYLKKHGIIS
;
_entity_poly.pdbx_strand_id   A,B
#
loop_
_chem_comp.id
_chem_comp.type
_chem_comp.name
_chem_comp.formula
ACT non-polymer 'ACETATE ION' 'C2 H3 O2 -1'
ADN non-polymer ADENOSINE 'C10 H13 N5 O4'
CL non-polymer 'CHLORIDE ION' 'Cl -1'
EDO non-polymer 1,2-ETHANEDIOL 'C2 H6 O2'
GOL non-polymer GLYCEROL 'C3 H8 O3'
MTA non-polymer 5'-DEOXY-5'-METHYLTHIOADENOSINE 'C11 H15 N5 O3 S'
PEG non-polymer DI(HYDROXYETHYL)ETHER 'C4 H10 O3'
SO3 non-polymer 'SULFITE ION' 'O3 S -2'
ZN non-polymer 'ZINC ION' 'Zn 2'
#
# COMPACT_ATOMS: atom_id res chain seq x y z
N LYS A 22 -17.47 -22.03 -32.54
CA LYS A 22 -17.05 -21.09 -33.60
C LYS A 22 -15.92 -20.18 -33.11
N MET A 23 -16.11 -19.58 -31.93
CA MET A 23 -15.09 -18.74 -31.33
C MET A 23 -13.92 -19.63 -30.88
N ARG A 24 -14.27 -20.82 -30.41
CA ARG A 24 -13.32 -21.90 -30.14
C ARG A 24 -12.51 -22.22 -31.41
N ASP A 25 -13.21 -22.30 -32.54
CA ASP A 25 -12.60 -22.64 -33.81
C ASP A 25 -11.62 -21.56 -34.24
N ARG A 26 -12.00 -20.29 -34.01
CA ARG A 26 -11.16 -19.15 -34.34
C ARG A 26 -9.90 -19.15 -33.46
N LEU A 27 -10.04 -19.53 -32.18
CA LEU A 27 -8.90 -19.64 -31.29
C LEU A 27 -7.84 -20.62 -31.84
N PHE A 28 -8.28 -21.83 -32.15
CA PHE A 28 -7.37 -22.87 -32.63
C PHE A 28 -6.75 -22.46 -33.96
N PHE A 29 -7.49 -21.67 -34.76
CA PHE A 29 -6.98 -21.19 -36.03
C PHE A 29 -5.82 -20.23 -35.78
N LEU A 30 -6.00 -19.30 -34.84
CA LEU A 30 -5.02 -18.28 -34.56
C LEU A 30 -3.79 -18.85 -33.82
N LEU A 31 -4.01 -19.81 -32.91
CA LEU A 31 -2.88 -20.39 -32.16
C LEU A 31 -1.89 -20.95 -33.17
N SER A 32 -2.37 -21.71 -34.16
CA SER A 32 -1.43 -22.35 -35.07
C SER A 32 -0.96 -21.37 -36.15
N LYS A 33 -1.81 -20.41 -36.53
CA LYS A 33 -1.38 -19.40 -37.50
C LYS A 33 -0.17 -18.60 -36.98
N TYR A 34 -0.19 -18.20 -35.70
CA TYR A 34 0.87 -17.35 -35.17
C TYR A 34 1.85 -18.10 -34.29
N GLY A 35 1.70 -19.42 -34.15
CA GLY A 35 2.59 -20.23 -33.31
C GLY A 35 2.57 -19.80 -31.83
N ILE A 36 1.38 -19.48 -31.29
CA ILE A 36 1.19 -19.02 -29.93
C ILE A 36 1.32 -20.19 -28.97
N ARG A 37 2.19 -20.01 -27.98
CA ARG A 37 2.37 -20.92 -26.87
C ARG A 37 1.79 -20.25 -25.62
N PRO A 38 0.59 -20.64 -25.12
CA PRO A 38 0.01 -19.96 -23.95
C PRO A 38 1.01 -20.04 -22.80
N ARG A 39 1.32 -18.92 -22.14
CA ARG A 39 2.25 -18.89 -21.02
C ARG A 39 1.50 -18.82 -19.69
N ASP A 40 1.74 -19.80 -18.81
CA ASP A 40 1.09 -19.79 -17.49
C ASP A 40 1.77 -18.83 -16.50
N SER A 41 3.03 -18.42 -16.72
CA SER A 41 3.64 -17.37 -15.91
C SER A 41 2.73 -16.13 -15.86
N ILE A 42 2.05 -15.82 -16.97
CA ILE A 42 1.18 -14.65 -17.00
C ILE A 42 -0.28 -15.11 -17.15
N GLY A 43 -0.57 -16.35 -16.70
CA GLY A 43 -1.93 -16.89 -16.61
C GLY A 43 -2.72 -16.82 -17.91
N GLN A 44 -2.17 -17.31 -19.02
CA GLN A 44 -2.84 -17.10 -20.29
C GLN A 44 -3.91 -18.17 -20.45
N HIS A 45 -5.16 -17.72 -20.28
CA HIS A 45 -6.37 -18.51 -20.45
C HIS A 45 -7.32 -17.66 -21.30
N PHE A 46 -7.60 -18.07 -22.54
CA PHE A 46 -8.38 -17.28 -23.48
C PHE A 46 -9.86 -17.67 -23.43
N LEU A 47 -10.73 -16.67 -23.26
CA LEU A 47 -12.18 -16.85 -23.28
C LEU A 47 -12.62 -17.27 -24.68
N ILE A 48 -13.40 -18.35 -24.77
CA ILE A 48 -13.84 -18.93 -26.04
C ILE A 48 -15.37 -19.13 -26.09
N ILE A 49 -16.10 -18.71 -25.04
CA ILE A 49 -17.56 -18.81 -25.03
C ILE A 49 -18.15 -17.44 -25.34
N GLU A 50 -18.79 -17.35 -26.49
CA GLU A 50 -19.35 -16.10 -26.99
C GLU A 50 -20.45 -15.54 -26.09
N ASP A 51 -21.29 -16.39 -25.51
CA ASP A 51 -22.33 -15.95 -24.60
C ASP A 51 -21.76 -15.13 -23.45
N VAL A 52 -20.55 -15.48 -22.99
CA VAL A 52 -19.96 -14.78 -21.85
C VAL A 52 -19.59 -13.36 -22.28
N ILE A 53 -19.03 -13.21 -23.50
CA ILE A 53 -18.65 -11.92 -24.05
C ILE A 53 -19.90 -11.06 -24.26
N GLU A 54 -20.97 -11.67 -24.78
CA GLU A 54 -22.22 -10.97 -25.06
C GLU A 54 -22.88 -10.48 -23.76
N LYS A 55 -22.84 -11.29 -22.72
CA LYS A 55 -23.37 -10.91 -21.42
C LYS A 55 -22.59 -9.72 -20.82
N ALA A 56 -21.26 -9.78 -20.87
CA ALA A 56 -20.41 -8.68 -20.42
C ALA A 56 -20.79 -7.39 -21.14
N ILE A 57 -20.84 -7.44 -22.48
CA ILE A 57 -21.09 -6.27 -23.30
C ILE A 57 -22.46 -5.71 -22.89
N GLU A 58 -23.43 -6.60 -22.78
CA GLU A 58 -24.81 -6.22 -22.50
C GLU A 58 -24.93 -5.64 -21.10
N THR A 59 -24.30 -6.26 -20.10
CA THR A 59 -24.30 -5.70 -18.75
C THR A 59 -23.66 -4.30 -18.75
N ALA A 60 -22.60 -4.11 -19.55
CA ALA A 60 -21.85 -2.88 -19.56
C ALA A 60 -22.64 -1.75 -20.22
N ASN A 61 -23.64 -2.12 -21.03
CA ASN A 61 -24.49 -1.15 -21.70
C ASN A 61 -23.60 -0.22 -22.54
N VAL A 62 -22.73 -0.82 -23.36
CA VAL A 62 -21.71 -0.08 -24.08
C VAL A 62 -22.37 0.74 -25.18
N ASN A 63 -22.05 2.05 -25.21
CA ASN A 63 -22.61 2.92 -26.23
C ASN A 63 -21.49 3.67 -26.96
N GLU A 64 -21.92 4.36 -28.01
CA GLU A 64 -21.05 5.01 -28.98
C GLU A 64 -20.30 6.17 -28.34
N ASN A 65 -20.68 6.58 -27.12
CA ASN A 65 -19.95 7.64 -26.43
C ASN A 65 -18.96 7.11 -25.39
N ASP A 66 -18.91 5.80 -25.14
CA ASP A 66 -18.09 5.28 -24.04
C ASP A 66 -16.61 5.17 -24.43
N VAL A 67 -15.76 5.51 -23.45
CA VAL A 67 -14.35 5.23 -23.44
C VAL A 67 -14.09 4.08 -22.46
N ILE A 68 -13.65 2.93 -23.00
CA ILE A 68 -13.59 1.68 -22.26
C ILE A 68 -12.14 1.33 -21.97
N LEU A 69 -11.85 0.87 -20.73
CA LEU A 69 -10.58 0.22 -20.42
C LEU A 69 -10.77 -1.29 -20.40
N GLU A 70 -9.86 -2.02 -21.06
CA GLU A 70 -9.76 -3.47 -21.02
C GLU A 70 -8.35 -3.88 -20.59
N VAL A 71 -8.26 -4.94 -19.80
CA VAL A 71 -6.98 -5.50 -19.40
C VAL A 71 -6.87 -6.91 -19.98
N GLY A 72 -5.68 -7.18 -20.56
CA GLY A 72 -5.31 -8.51 -21.00
C GLY A 72 -6.21 -8.96 -22.15
N PRO A 73 -6.15 -8.28 -23.31
CA PRO A 73 -7.02 -8.60 -24.44
C PRO A 73 -6.84 -10.00 -25.02
N GLY A 74 -5.68 -10.63 -24.82
CA GLY A 74 -5.42 -11.95 -25.36
C GLY A 74 -5.58 -11.95 -26.88
N LEU A 75 -6.43 -12.87 -27.40
CA LEU A 75 -6.64 -12.98 -28.83
C LEU A 75 -7.64 -11.93 -29.37
N GLY A 76 -8.23 -11.10 -28.50
CA GLY A 76 -8.91 -9.89 -28.91
C GLY A 76 -10.42 -10.05 -29.10
N PHE A 77 -10.97 -11.16 -28.65
CA PHE A 77 -12.38 -11.49 -28.87
C PHE A 77 -13.29 -10.53 -28.14
N LEU A 78 -12.99 -10.19 -26.88
CA LEU A 78 -13.78 -9.17 -26.21
C LEU A 78 -13.49 -7.78 -26.80
N THR A 79 -12.20 -7.48 -27.05
CA THR A 79 -11.74 -6.21 -27.59
C THR A 79 -12.52 -5.87 -28.87
N ASP A 80 -12.62 -6.87 -29.77
CA ASP A 80 -13.29 -6.69 -31.04
C ASP A 80 -14.76 -6.31 -30.86
N GLU A 81 -15.44 -6.92 -29.89
CA GLU A 81 -16.85 -6.61 -29.67
C GLU A 81 -16.96 -5.20 -29.10
N LEU A 82 -15.98 -4.76 -28.31
CA LEU A 82 -16.05 -3.46 -27.70
C LEU A 82 -15.80 -2.40 -28.76
N ALA A 83 -14.83 -2.67 -29.65
CA ALA A 83 -14.43 -1.70 -30.65
C ALA A 83 -15.59 -1.35 -31.57
N LYS A 84 -16.49 -2.31 -31.82
CA LYS A 84 -17.57 -2.02 -32.76
C LYS A 84 -18.69 -1.20 -32.11
N ARG A 85 -18.68 -1.00 -30.79
CA ARG A 85 -19.77 -0.31 -30.11
C ARG A 85 -19.33 0.95 -29.37
N ALA A 86 -18.07 1.01 -28.95
CA ALA A 86 -17.60 2.11 -28.11
C ALA A 86 -16.95 3.22 -28.94
N LYS A 87 -16.86 4.42 -28.38
CA LYS A 87 -16.10 5.50 -28.98
C LYS A 87 -14.62 5.11 -29.08
N LYS A 88 -14.06 4.66 -27.96
CA LYS A 88 -12.67 4.25 -27.93
C LYS A 88 -12.52 3.14 -26.90
N VAL A 89 -11.56 2.24 -27.18
CA VAL A 89 -11.09 1.23 -26.25
C VAL A 89 -9.57 1.41 -26.04
N TYR A 90 -9.15 1.43 -24.77
CA TYR A 90 -7.75 1.25 -24.44
C TYR A 90 -7.58 -0.17 -23.92
N THR A 91 -6.57 -0.89 -24.36
CA THR A 91 -6.39 -2.25 -23.88
C THR A 91 -4.93 -2.48 -23.48
N ILE A 92 -4.69 -2.97 -22.26
CA ILE A 92 -3.35 -3.14 -21.71
C ILE A 92 -2.94 -4.61 -21.74
N GLU A 93 -1.82 -4.88 -22.43
CA GLU A 93 -1.35 -6.24 -22.63
C GLU A 93 0.14 -6.30 -22.29
N ILE A 94 0.49 -7.28 -21.43
CA ILE A 94 1.85 -7.47 -20.94
C ILE A 94 2.70 -8.25 -21.96
N ASP A 95 2.08 -9.10 -22.78
CA ASP A 95 2.82 -9.98 -23.68
C ASP A 95 3.00 -9.27 -25.02
N GLN A 96 4.24 -8.94 -25.35
CA GLN A 96 4.56 -8.14 -26.53
C GLN A 96 4.17 -8.91 -27.80
N LYS A 97 4.37 -10.22 -27.79
CA LYS A 97 4.05 -11.06 -28.93
C LYS A 97 2.54 -11.01 -29.22
N ILE A 98 1.70 -11.06 -28.18
CA ILE A 98 0.26 -10.97 -28.34
C ILE A 98 -0.10 -9.63 -28.97
N ILE A 99 0.58 -8.55 -28.57
CA ILE A 99 0.35 -7.23 -29.14
C ILE A 99 0.61 -7.27 -30.65
N GLU A 100 1.74 -7.88 -31.05
CA GLU A 100 2.10 -7.95 -32.47
C GLU A 100 1.02 -8.71 -33.25
N ILE A 101 0.46 -9.76 -32.65
CA ILE A 101 -0.57 -10.54 -33.29
C ILE A 101 -1.84 -9.69 -33.43
N LEU A 102 -2.24 -8.98 -32.35
CA LEU A 102 -3.43 -8.13 -32.41
C LEU A 102 -3.28 -7.11 -33.55
N LYS A 103 -2.09 -6.54 -33.71
CA LYS A 103 -1.85 -5.51 -34.72
C LYS A 103 -1.98 -6.11 -36.12
N LYS A 104 -1.54 -7.36 -36.33
CA LYS A 104 -1.66 -8.03 -37.61
C LYS A 104 -3.07 -8.55 -37.85
N GLU A 105 -3.73 -9.06 -36.83
CA GLU A 105 -5.00 -9.75 -37.04
C GLU A 105 -6.14 -8.75 -37.19
N TYR A 106 -6.10 -7.60 -36.48
CA TYR A 106 -7.25 -6.69 -36.45
C TYR A 106 -6.92 -5.35 -37.09
N SER A 107 -7.96 -4.56 -37.35
CA SER A 107 -7.83 -3.36 -38.17
C SER A 107 -8.50 -2.16 -37.53
N TRP A 108 -8.91 -2.26 -36.27
CA TRP A 108 -9.70 -1.28 -35.55
C TRP A 108 -9.20 0.15 -35.73
N ASN A 109 -10.14 1.06 -35.94
CA ASN A 109 -9.87 2.48 -36.00
C ASN A 109 -9.82 3.13 -34.62
N ASN A 110 -10.35 2.47 -33.56
CA ASN A 110 -10.65 3.09 -32.30
C ASN A 110 -10.14 2.31 -31.08
N VAL A 111 -9.06 1.53 -31.26
CA VAL A 111 -8.42 0.80 -30.19
C VAL A 111 -6.94 1.19 -30.08
N LYS A 112 -6.55 1.59 -28.88
CA LYS A 112 -5.16 1.83 -28.56
C LYS A 112 -4.68 0.71 -27.62
N ILE A 113 -3.67 -0.01 -28.09
CA ILE A 113 -3.06 -1.06 -27.31
C ILE A 113 -1.90 -0.45 -26.53
N ILE A 114 -1.91 -0.69 -25.23
CA ILE A 114 -0.87 -0.22 -24.33
C ILE A 114 -0.08 -1.43 -23.82
N GLN A 115 1.24 -1.35 -23.94
CA GLN A 115 2.07 -2.46 -23.51
C GLN A 115 2.43 -2.25 -22.05
N GLY A 116 2.25 -3.28 -21.24
CA GLY A 116 2.76 -3.26 -19.88
C GLY A 116 1.91 -4.13 -18.98
N ASP A 117 2.35 -4.23 -17.72
CA ASP A 117 1.53 -4.75 -16.64
C ASP A 117 0.48 -3.71 -16.24
N ALA A 118 -0.82 -4.06 -16.32
CA ALA A 118 -1.91 -3.15 -15.98
C ALA A 118 -1.80 -2.62 -14.54
N VAL A 119 -1.17 -3.37 -13.67
CA VAL A 119 -0.96 -2.95 -12.30
C VAL A 119 0.10 -1.84 -12.21
N ARG A 120 1.03 -1.77 -13.17
CA ARG A 120 2.14 -0.83 -13.08
C ARG A 120 1.93 0.41 -13.97
N VAL A 121 1.41 0.25 -15.19
CA VAL A 121 1.35 1.37 -16.11
C VAL A 121 0.29 2.38 -15.65
N GLU A 122 0.48 3.63 -16.08
CA GLU A 122 -0.50 4.69 -15.88
C GLU A 122 -1.73 4.40 -16.74
N TRP A 123 -2.93 4.46 -16.12
CA TRP A 123 -4.18 4.23 -16.83
C TRP A 123 -4.59 5.51 -17.54
N PRO A 124 -5.14 5.41 -18.77
CA PRO A 124 -5.80 6.55 -19.40
C PRO A 124 -7.13 6.81 -18.70
N LYS A 125 -7.79 7.91 -19.11
CA LYS A 125 -9.13 8.27 -18.68
C LYS A 125 -10.14 7.42 -19.46
N PHE A 126 -11.11 6.88 -18.73
CA PHE A 126 -12.16 6.04 -19.30
C PHE A 126 -13.42 6.26 -18.48
N ASN A 127 -14.59 5.88 -18.97
CA ASN A 127 -15.75 5.91 -18.08
C ASN A 127 -16.19 4.50 -17.69
N LYS A 128 -15.74 3.47 -18.40
CA LYS A 128 -16.15 2.09 -18.11
C LYS A 128 -14.99 1.14 -18.31
N VAL A 129 -14.92 0.11 -17.46
CA VAL A 129 -14.06 -1.04 -17.63
C VAL A 129 -14.97 -2.20 -18.00
N VAL A 130 -14.59 -2.89 -19.07
CA VAL A 130 -15.18 -4.15 -19.47
C VAL A 130 -14.02 -5.11 -19.78
N SER A 131 -13.85 -6.13 -18.94
CA SER A 131 -12.60 -6.87 -19.01
C SER A 131 -12.67 -8.22 -18.32
N ASN A 132 -11.96 -9.18 -18.92
CA ASN A 132 -11.42 -10.28 -18.14
C ASN A 132 -10.31 -9.74 -17.24
N ILE A 133 -10.27 -10.16 -15.98
CA ILE A 133 -9.15 -9.82 -15.10
C ILE A 133 -8.25 -11.03 -14.86
N PRO A 134 -6.95 -10.96 -15.28
CA PRO A 134 -5.99 -12.05 -15.00
C PRO A 134 -5.96 -12.39 -13.51
N TYR A 135 -6.12 -13.68 -13.20
CA TYR A 135 -6.28 -14.17 -11.84
C TYR A 135 -5.25 -13.55 -10.90
N LYS A 136 -4.01 -13.44 -11.37
CA LYS A 136 -2.91 -13.11 -10.47
C LYS A 136 -2.89 -11.64 -10.10
N ILE A 137 -3.60 -10.76 -10.82
CA ILE A 137 -3.59 -9.35 -10.45
C ILE A 137 -4.95 -8.90 -9.89
N SER A 138 -5.80 -9.86 -9.50
CA SER A 138 -7.14 -9.52 -9.08
C SER A 138 -7.17 -8.40 -8.05
N SER A 139 -6.39 -8.59 -6.98
CA SER A 139 -6.39 -7.67 -5.85
C SER A 139 -5.80 -6.30 -6.23
N PRO A 140 -4.54 -6.17 -6.72
CA PRO A 140 -3.99 -4.86 -7.08
C PRO A 140 -4.77 -4.12 -8.19
N PHE A 141 -5.31 -4.84 -9.17
CA PHE A 141 -6.15 -4.22 -10.17
C PHE A 141 -7.40 -3.59 -9.51
N THR A 142 -8.04 -4.35 -8.60
CA THR A 142 -9.29 -3.89 -8.01
C THR A 142 -9.06 -2.66 -7.12
N PHE A 143 -8.05 -2.69 -6.24
CA PHE A 143 -7.72 -1.54 -5.42
C PHE A 143 -7.35 -0.34 -6.30
N LYS A 144 -6.64 -0.55 -7.41
CA LYS A 144 -6.33 0.57 -8.29
C LYS A 144 -7.61 1.16 -8.89
N LEU A 145 -8.54 0.26 -9.29
CA LEU A 145 -9.80 0.65 -9.90
C LEU A 145 -10.66 1.46 -8.93
N LEU A 146 -10.65 1.10 -7.65
CA LEU A 146 -11.54 1.75 -6.70
C LEU A 146 -11.06 3.18 -6.38
N LYS A 147 -9.84 3.54 -6.78
CA LYS A 147 -9.34 4.89 -6.61
C LYS A 147 -9.56 5.73 -7.88
N THR A 148 -10.36 5.22 -8.83
CA THR A 148 -10.62 5.92 -10.08
C THR A 148 -12.09 6.33 -10.14
N ASP A 149 -12.33 7.37 -10.95
CA ASP A 149 -13.64 7.77 -11.42
C ASP A 149 -14.03 6.92 -12.61
N PHE A 150 -15.07 6.12 -12.43
CA PHE A 150 -15.61 5.31 -13.51
C PHE A 150 -17.10 5.27 -13.23
N GLU A 151 -17.89 5.14 -14.30
CA GLU A 151 -19.33 5.06 -14.22
C GLU A 151 -19.83 3.61 -14.07
N ARG A 152 -19.09 2.65 -14.61
CA ARG A 152 -19.51 1.26 -14.57
C ARG A 152 -18.32 0.34 -14.81
N ALA A 153 -18.29 -0.80 -14.11
CA ALA A 153 -17.28 -1.82 -14.34
C ALA A 153 -17.96 -3.19 -14.49
N VAL A 154 -17.59 -3.92 -15.53
CA VAL A 154 -18.06 -5.28 -15.76
C VAL A 154 -16.80 -6.09 -15.99
N VAL A 155 -16.43 -6.89 -14.98
CA VAL A 155 -15.11 -7.50 -14.87
C VAL A 155 -15.27 -8.97 -14.50
N MET A 156 -14.46 -9.83 -15.15
CA MET A 156 -14.47 -11.26 -14.88
C MET A 156 -13.30 -11.57 -13.93
N TYR A 157 -13.65 -12.11 -12.77
CA TYR A 157 -12.70 -12.50 -11.74
C TYR A 157 -12.73 -13.99 -11.47
N GLN A 158 -11.61 -14.53 -10.94
CA GLN A 158 -11.63 -15.84 -10.28
C GLN A 158 -12.84 -15.85 -9.32
N LEU A 159 -13.65 -16.91 -9.37
CA LEU A 159 -14.88 -17.00 -8.59
C LEU A 159 -14.67 -16.70 -7.11
N GLU A 160 -13.59 -17.21 -6.53
CA GLU A 160 -13.30 -17.04 -5.12
C GLU A 160 -13.09 -15.56 -4.77
N PHE A 161 -12.45 -14.81 -5.67
CA PHE A 161 -12.24 -13.39 -5.45
C PHE A 161 -13.54 -12.59 -5.61
N ALA A 162 -14.32 -12.88 -6.66
CA ALA A 162 -15.68 -12.33 -6.80
C ALA A 162 -16.52 -12.53 -5.54
N LEU A 163 -16.53 -13.75 -4.97
CA LEU A 163 -17.34 -14.04 -3.79
C LEU A 163 -16.92 -13.17 -2.62
N ARG A 164 -15.60 -12.93 -2.53
CA ARG A 164 -15.01 -12.04 -1.56
C ARG A 164 -15.48 -10.60 -1.77
N MET A 165 -15.58 -10.16 -3.03
CA MET A 165 -15.97 -8.79 -3.31
C MET A 165 -17.43 -8.50 -2.92
N VAL A 166 -18.33 -9.48 -3.05
CA VAL A 166 -19.75 -9.29 -2.78
C VAL A 166 -20.12 -9.83 -1.40
N ALA A 167 -19.15 -10.36 -0.64
CA ALA A 167 -19.43 -10.89 0.68
C ALA A 167 -20.09 -9.81 1.51
N LYS A 168 -21.06 -10.23 2.31
CA LYS A 168 -21.78 -9.31 3.17
C LYS A 168 -21.09 -9.15 4.52
N PRO A 169 -21.24 -7.99 5.20
CA PRO A 169 -20.78 -7.82 6.58
C PRO A 169 -21.31 -8.96 7.45
N GLY A 170 -20.39 -9.55 8.21
CA GLY A 170 -20.69 -10.65 9.11
C GLY A 170 -20.43 -12.02 8.51
N SER A 171 -20.25 -12.10 7.19
CA SER A 171 -19.91 -13.37 6.58
C SER A 171 -18.42 -13.67 6.80
N ARG A 172 -18.04 -14.92 6.52
CA ARG A 172 -16.72 -15.42 6.90
C ARG A 172 -15.66 -14.76 6.04
N ASN A 173 -15.97 -14.50 4.77
CA ASN A 173 -14.97 -13.94 3.87
C ASN A 173 -15.11 -12.43 3.69
N TYR A 174 -15.80 -11.73 4.60
CA TYR A 174 -15.87 -10.27 4.53
C TYR A 174 -14.55 -9.68 4.98
N SER A 175 -13.95 -8.88 4.11
CA SER A 175 -12.60 -8.38 4.32
C SER A 175 -12.50 -6.94 3.85
N ARG A 176 -11.30 -6.35 3.97
CA ARG A 176 -11.08 -4.96 3.63
C ARG A 176 -11.54 -4.69 2.20
N LEU A 177 -11.24 -5.63 1.29
CA LEU A 177 -11.65 -5.50 -0.10
C LEU A 177 -13.16 -5.38 -0.24
N SER A 178 -13.88 -6.31 0.38
CA SER A 178 -15.33 -6.30 0.42
C SER A 178 -15.84 -4.93 0.84
N LEU A 179 -15.32 -4.43 1.98
CA LEU A 179 -15.72 -3.14 2.52
C LEU A 179 -15.40 -1.98 1.57
N MET A 180 -14.20 -1.94 1.00
CA MET A 180 -13.86 -0.78 0.20
C MET A 180 -14.68 -0.75 -1.10
N ALA A 181 -14.89 -1.94 -1.68
CA ALA A 181 -15.62 -2.08 -2.94
C ALA A 181 -17.09 -1.72 -2.74
N GLN A 182 -17.71 -2.19 -1.64
CA GLN A 182 -19.11 -1.91 -1.37
C GLN A 182 -19.34 -0.47 -0.88
N ALA A 183 -18.29 0.15 -0.33
CA ALA A 183 -18.28 1.56 0.04
C ALA A 183 -18.41 2.42 -1.21
N LEU A 184 -17.80 1.96 -2.31
CA LEU A 184 -17.77 2.75 -3.53
C LEU A 184 -19.04 2.51 -4.35
N GLY A 185 -19.49 1.25 -4.40
CA GLY A 185 -20.53 0.87 -5.33
C GLY A 185 -21.41 -0.29 -4.88
N ASN A 186 -22.51 -0.46 -5.63
CA ASN A 186 -23.23 -1.71 -5.70
C ASN A 186 -22.36 -2.70 -6.47
N VAL A 187 -22.05 -3.84 -5.84
CA VAL A 187 -21.23 -4.91 -6.40
C VAL A 187 -22.05 -6.18 -6.45
N GLU A 188 -22.24 -6.80 -7.62
CA GLU A 188 -22.93 -8.08 -7.66
C GLU A 188 -22.35 -9.01 -8.72
N ILE A 189 -22.60 -10.30 -8.49
CA ILE A 189 -22.25 -11.34 -9.44
C ILE A 189 -23.42 -11.53 -10.42
N VAL A 190 -23.13 -11.36 -11.72
CA VAL A 190 -24.13 -11.44 -12.76
C VAL A 190 -24.22 -12.86 -13.31
N MET A 191 -23.07 -13.55 -13.47
CA MET A 191 -23.07 -14.95 -13.83
C MET A 191 -21.78 -15.61 -13.34
N LYS A 192 -21.89 -16.91 -13.06
CA LYS A 192 -20.73 -17.74 -12.85
C LYS A 192 -20.26 -18.24 -14.20
N ILE A 193 -18.95 -18.36 -14.37
CA ILE A 193 -18.35 -18.81 -15.62
C ILE A 193 -17.48 -20.01 -15.29
N GLY A 194 -17.84 -21.18 -15.82
CA GLY A 194 -17.08 -22.40 -15.67
C GLY A 194 -15.69 -22.28 -16.30
N LYS A 195 -14.73 -23.00 -15.70
CA LYS A 195 -13.37 -23.13 -16.21
C LYS A 195 -13.36 -23.66 -17.66
N GLY A 196 -14.36 -24.46 -18.06
CA GLY A 196 -14.44 -24.97 -19.42
C GLY A 196 -14.65 -23.84 -20.44
N ALA A 197 -14.79 -22.59 -19.97
CA ALA A 197 -15.03 -21.45 -20.86
C ALA A 197 -13.73 -20.84 -21.38
N PHE A 198 -12.59 -21.37 -20.90
CA PHE A 198 -11.30 -20.82 -21.28
C PHE A 198 -10.42 -21.92 -21.88
N TYR A 199 -9.61 -21.55 -22.89
CA TYR A 199 -8.51 -22.39 -23.34
C TYR A 199 -7.19 -21.65 -23.10
N PRO A 200 -6.14 -22.28 -22.53
CA PRO A 200 -6.22 -23.62 -21.92
C PRO A 200 -7.12 -23.58 -20.69
N ARG A 201 -7.60 -24.75 -20.30
CA ARG A 201 -8.56 -24.84 -19.21
C ARG A 201 -7.87 -24.50 -17.89
N PRO A 202 -8.30 -23.50 -17.08
CA PRO A 202 -7.64 -23.20 -15.80
C PRO A 202 -8.12 -24.16 -14.71
N LYS A 203 -7.64 -23.96 -13.48
CA LYS A 203 -7.99 -24.81 -12.35
C LYS A 203 -9.03 -24.13 -11.46
N VAL A 204 -9.45 -22.92 -11.85
CA VAL A 204 -10.43 -22.15 -11.10
C VAL A 204 -11.54 -21.68 -12.04
N ASP A 205 -12.74 -21.55 -11.45
CA ASP A 205 -13.87 -20.94 -12.11
C ASP A 205 -13.77 -19.41 -12.02
N SER A 206 -14.63 -18.75 -12.78
CA SER A 206 -14.72 -17.31 -12.85
C SER A 206 -16.14 -16.82 -12.54
N ALA A 207 -16.29 -15.50 -12.29
CA ALA A 207 -17.58 -14.87 -12.18
C ALA A 207 -17.53 -13.50 -12.85
N LEU A 208 -18.65 -13.12 -13.46
CA LEU A 208 -18.83 -11.80 -14.04
C LEU A 208 -19.39 -10.89 -12.95
N VAL A 209 -18.67 -9.81 -12.64
CA VAL A 209 -19.02 -8.88 -11.58
C VAL A 209 -19.35 -7.50 -12.17
N LEU A 210 -20.49 -6.96 -11.72
CA LEU A 210 -20.90 -5.61 -12.02
C LEU A 210 -20.58 -4.72 -10.80
N ILE A 211 -19.94 -3.59 -11.07
CA ILE A 211 -19.75 -2.54 -10.08
C ILE A 211 -20.43 -1.27 -10.59
N GLU A 212 -21.43 -0.83 -9.82
CA GLU A 212 -22.25 0.33 -10.11
C GLU A 212 -21.89 1.35 -9.01
N PRO A 213 -21.02 2.34 -9.28
CA PRO A 213 -20.66 3.35 -8.28
C PRO A 213 -21.87 4.04 -7.65
N ARG A 214 -21.85 4.19 -6.32
CA ARG A 214 -22.93 4.78 -5.56
C ARG A 214 -23.03 6.28 -5.87
N LYS A 215 -24.27 6.76 -5.96
CA LYS A 215 -24.58 8.18 -5.80
C LYS A 215 -24.04 8.65 -4.44
N ASP A 216 -24.43 7.92 -3.38
CA ASP A 216 -23.95 8.14 -2.01
C ASP A 216 -22.63 7.40 -1.73
N LYS A 217 -21.54 7.80 -2.42
CA LYS A 217 -20.21 7.24 -2.24
C LYS A 217 -19.81 7.38 -0.76
N ILE A 218 -19.35 6.31 -0.12
CA ILE A 218 -18.76 6.47 1.21
C ILE A 218 -17.25 6.45 1.08
N VAL A 219 -16.61 7.56 1.47
CA VAL A 219 -15.16 7.68 1.41
C VAL A 219 -14.55 7.47 2.81
N LEU A 220 -13.73 6.43 2.94
CA LEU A 220 -13.25 5.92 4.20
C LEU A 220 -11.75 6.13 4.28
N ASN A 221 -11.31 6.58 5.45
CA ASN A 221 -9.91 6.73 5.80
C ASN A 221 -9.20 5.38 5.71
N GLU A 222 -8.22 5.29 4.80
CA GLU A 222 -7.49 4.06 4.51
C GLU A 222 -6.80 3.53 5.77
N ASN A 223 -6.26 4.45 6.57
CA ASN A 223 -5.51 4.09 7.77
C ASN A 223 -6.41 3.54 8.85
N LEU A 224 -7.61 4.11 9.00
CA LEU A 224 -8.56 3.59 9.96
C LEU A 224 -8.92 2.16 9.56
N VAL A 225 -9.23 1.97 8.27
CA VAL A 225 -9.73 0.70 7.77
C VAL A 225 -8.66 -0.39 7.95
N LYS A 226 -7.41 -0.08 7.57
CA LYS A 226 -6.30 -1.01 7.71
C LYS A 226 -6.12 -1.40 9.17
N ALA A 227 -6.15 -0.41 10.07
CA ALA A 227 -6.01 -0.67 11.49
C ALA A 227 -7.12 -1.62 11.97
N LEU A 228 -8.37 -1.31 11.62
CA LEU A 228 -9.50 -2.14 12.06
C LEU A 228 -9.39 -3.57 11.51
N PHE A 229 -8.96 -3.70 10.24
CA PHE A 229 -9.07 -4.97 9.54
C PHE A 229 -7.82 -5.83 9.70
N GLN A 230 -6.80 -5.26 10.38
CA GLN A 230 -5.60 -5.99 10.78
C GLN A 230 -6.03 -7.26 11.52
N HIS A 231 -6.96 -7.10 12.48
CA HIS A 231 -7.51 -8.22 13.22
C HIS A 231 -9.03 -8.04 13.22
N ARG A 232 -9.67 -8.51 12.14
CA ARG A 232 -11.06 -8.18 11.88
C ARG A 232 -12.01 -9.01 12.73
N ARG A 233 -11.52 -10.02 13.48
CA ARG A 233 -12.40 -10.78 14.36
C ARG A 233 -12.56 -10.08 15.71
N LYS A 234 -11.81 -9.00 15.95
CA LYS A 234 -11.87 -8.29 17.23
C LYS A 234 -13.12 -7.43 17.31
N THR A 235 -13.59 -7.18 18.53
CA THR A 235 -14.56 -6.13 18.77
C THR A 235 -13.96 -4.77 18.37
N VAL A 236 -14.84 -3.85 18.00
CA VAL A 236 -14.42 -2.51 17.65
C VAL A 236 -13.62 -1.86 18.78
N PRO A 237 -14.04 -1.89 20.07
CA PRO A 237 -13.24 -1.30 21.13
C PRO A 237 -11.84 -1.91 21.23
N ARG A 238 -11.77 -3.24 21.13
CA ARG A 238 -10.50 -3.96 21.18
C ARG A 238 -9.57 -3.55 20.04
N ALA A 239 -10.06 -3.47 18.79
CA ALA A 239 -9.18 -3.10 17.68
C ALA A 239 -8.72 -1.65 17.84
N LEU A 240 -9.59 -0.79 18.38
CA LEU A 240 -9.22 0.60 18.63
C LEU A 240 -8.20 0.71 19.75
N LYS A 241 -8.38 -0.09 20.79
CA LYS A 241 -7.45 -0.14 21.91
C LYS A 241 -6.04 -0.45 21.40
N ASP A 242 -5.94 -1.37 20.43
CA ASP A 242 -4.67 -1.81 19.89
C ASP A 242 -4.15 -0.87 18.80
N SER A 243 -4.86 0.21 18.45
CA SER A 243 -4.42 1.07 17.34
C SER A 243 -4.15 2.50 17.79
N ILE A 244 -4.70 2.94 18.93
CA ILE A 244 -4.65 4.34 19.29
C ILE A 244 -3.44 4.59 20.20
N HIS A 245 -2.60 5.55 19.79
CA HIS A 245 -1.41 5.94 20.52
C HIS A 245 -1.67 7.24 21.29
N MET A 246 -0.79 7.47 22.27
CA MET A 246 -0.82 8.62 23.14
C MET A 246 -0.18 9.84 22.46
N LEU A 247 -0.79 10.19 21.34
CA LEU A 247 -0.37 11.25 20.44
C LEU A 247 -1.42 12.34 20.57
N GLY A 248 -1.10 13.31 21.44
CA GLY A 248 -2.02 14.37 21.78
C GLY A 248 -3.25 13.89 22.55
N VAL A 249 -3.13 12.76 23.26
CA VAL A 249 -4.25 12.19 23.99
C VAL A 249 -3.70 11.23 25.05
N SER A 250 -4.11 11.41 26.31
CA SER A 250 -3.60 10.66 27.45
C SER A 250 -4.26 9.28 27.50
N LYS A 251 -3.84 8.43 28.45
CA LYS A 251 -4.40 7.10 28.64
C LYS A 251 -5.87 7.18 29.00
N ASP A 252 -6.22 8.03 29.97
CA ASP A 252 -7.60 8.17 30.42
C ASP A 252 -8.45 8.79 29.32
N GLU A 253 -7.91 9.72 28.51
CA GLU A 253 -8.72 10.27 27.42
C GLU A 253 -9.01 9.11 26.42
N ILE A 254 -8.02 8.23 26.16
CA ILE A 254 -8.21 7.17 25.17
C ILE A 254 -9.30 6.20 25.66
N ARG A 255 -9.26 5.87 26.95
CA ARG A 255 -10.24 4.99 27.56
C ARG A 255 -11.65 5.61 27.45
N GLY A 256 -11.79 6.91 27.70
CA GLY A 256 -13.06 7.58 27.49
C GLY A 256 -13.54 7.51 26.03
N ILE A 257 -12.61 7.67 25.07
CA ILE A 257 -12.94 7.68 23.65
C ILE A 257 -13.43 6.31 23.20
N ILE A 258 -12.73 5.26 23.62
CA ILE A 258 -13.11 3.90 23.28
C ILE A 258 -14.43 3.50 23.94
N ASN A 259 -14.67 3.93 25.18
CA ASN A 259 -15.90 3.60 25.89
C ASN A 259 -17.13 4.05 25.11
N ASN A 260 -17.04 5.19 24.43
CA ASN A 260 -18.21 5.76 23.78
C ASN A 260 -18.15 5.58 22.26
N VAL A 261 -17.29 4.67 21.76
CA VAL A 261 -17.20 4.52 20.32
C VAL A 261 -18.53 4.00 19.74
N PRO A 262 -19.03 4.55 18.59
CA PRO A 262 -20.16 3.94 17.90
C PRO A 262 -19.84 2.49 17.57
N HIS A 263 -20.87 1.63 17.66
CA HIS A 263 -20.84 0.27 17.14
C HIS A 263 -19.93 -0.58 18.02
N SER A 264 -19.84 -0.20 19.30
CA SER A 264 -18.99 -0.90 20.27
C SER A 264 -19.34 -2.38 20.36
N ASN A 265 -20.58 -2.76 20.05
CA ASN A 265 -21.01 -4.14 20.19
C ASN A 265 -20.65 -4.99 18.99
N LYS A 266 -20.17 -4.38 17.90
CA LYS A 266 -19.81 -5.18 16.73
C LYS A 266 -18.35 -5.59 16.78
N ARG A 267 -18.06 -6.67 16.07
CA ARG A 267 -16.73 -7.00 15.62
C ARG A 267 -16.51 -6.37 14.25
N VAL A 268 -15.24 -6.15 13.92
CA VAL A 268 -14.87 -5.40 12.73
C VAL A 268 -15.49 -6.04 11.50
N PHE A 269 -15.45 -7.37 11.42
CA PHE A 269 -15.91 -8.07 10.22
C PHE A 269 -17.44 -7.95 10.04
N GLN A 270 -18.14 -7.28 10.97
CA GLN A 270 -19.59 -7.14 10.90
C GLN A 270 -20.01 -5.73 10.50
N LEU A 271 -19.03 -4.86 10.21
CA LEU A 271 -19.28 -3.45 9.94
C LEU A 271 -19.59 -3.18 8.47
N TYR A 272 -20.71 -2.46 8.25
CA TYR A 272 -21.00 -1.84 6.96
C TYR A 272 -20.07 -0.66 6.77
N PRO A 273 -19.85 -0.21 5.52
CA PRO A 273 -19.20 1.07 5.25
C PRO A 273 -19.72 2.28 6.03
N GLU A 274 -21.04 2.39 6.14
CA GLU A 274 -21.66 3.48 6.89
C GLU A 274 -21.24 3.45 8.38
N GLU A 275 -21.04 2.24 8.94
CA GLU A 275 -20.70 2.11 10.35
C GLU A 275 -19.22 2.45 10.57
N VAL A 276 -18.36 2.02 9.64
CA VAL A 276 -16.97 2.46 9.69
C VAL A 276 -16.88 3.99 9.62
N LYS A 277 -17.67 4.60 8.72
CA LYS A 277 -17.74 6.04 8.58
C LYS A 277 -18.11 6.73 9.90
N ASP A 278 -19.10 6.18 10.64
CA ASP A 278 -19.47 6.70 11.95
C ASP A 278 -18.25 6.70 12.90
N ILE A 279 -17.49 5.60 12.90
CA ILE A 279 -16.34 5.47 13.80
C ILE A 279 -15.30 6.50 13.42
N GLU A 280 -15.10 6.68 12.10
CA GLU A 280 -14.17 7.64 11.54
C GLU A 280 -14.55 9.07 11.94
N GLU A 281 -15.83 9.44 11.76
CA GLU A 281 -16.30 10.78 12.08
C GLU A 281 -16.17 11.04 13.60
N TYR A 282 -16.44 10.01 14.41
CA TYR A 282 -16.30 10.05 15.85
C TYR A 282 -14.85 10.26 16.25
N LEU A 283 -13.94 9.50 15.65
CA LEU A 283 -12.53 9.71 15.96
C LEU A 283 -12.06 11.09 15.51
N LYS A 284 -12.55 11.60 14.37
CA LYS A 284 -12.18 12.94 13.91
C LYS A 284 -12.62 13.99 14.93
N LYS A 285 -13.86 13.93 15.41
CA LYS A 285 -14.34 14.93 16.35
C LYS A 285 -13.58 14.92 17.69
N HIS A 286 -12.95 13.79 18.05
CA HIS A 286 -12.18 13.69 19.30
C HIS A 286 -10.68 13.86 19.03
N GLY A 287 -10.27 14.19 17.80
CA GLY A 287 -8.92 14.66 17.54
C GLY A 287 -7.98 13.58 17.02
N ILE A 288 -8.45 12.32 16.93
CA ILE A 288 -7.61 11.16 16.71
C ILE A 288 -7.25 10.99 15.24
N ILE A 289 -8.02 11.58 14.32
CA ILE A 289 -7.65 11.54 12.91
C ILE A 289 -7.54 12.97 12.40
N SER A 290 -6.29 13.46 12.29
CA SER A 290 -5.99 14.88 12.17
C SER A 290 -6.40 15.59 13.46
N LYS B 22 19.62 27.43 26.79
CA LYS B 22 19.96 28.44 25.75
C LYS B 22 19.08 28.21 24.51
N MET B 23 19.03 26.97 24.04
CA MET B 23 18.22 26.64 22.87
C MET B 23 16.74 26.74 23.27
N ARG B 24 16.46 26.35 24.52
CA ARG B 24 15.18 26.53 25.19
C ARG B 24 14.84 28.03 25.19
N ASP B 25 15.82 28.86 25.54
CA ASP B 25 15.64 30.29 25.65
C ASP B 25 15.30 30.89 24.29
N ARG B 26 15.94 30.38 23.23
CA ARG B 26 15.73 30.82 21.86
C ARG B 26 14.32 30.42 21.38
N LEU B 27 13.86 29.22 21.77
CA LEU B 27 12.49 28.78 21.50
C LEU B 27 11.45 29.79 22.03
N PHE B 28 11.56 30.11 23.32
CA PHE B 28 10.59 30.98 23.97
C PHE B 28 10.66 32.39 23.36
N PHE B 29 11.86 32.78 22.89
CA PHE B 29 12.03 34.07 22.24
C PHE B 29 11.22 34.11 20.94
N LEU B 30 11.35 33.04 20.14
CA LEU B 30 10.71 32.97 18.84
C LEU B 30 9.19 32.77 18.96
N LEU B 31 8.72 31.98 19.95
CA LEU B 31 7.30 31.72 20.10
C LEU B 31 6.59 33.08 20.27
N SER B 32 7.13 33.94 21.13
CA SER B 32 6.44 35.18 21.41
C SER B 32 6.70 36.22 20.30
N LYS B 33 7.89 36.17 19.69
CA LYS B 33 8.18 37.07 18.58
C LYS B 33 7.21 36.86 17.42
N TYR B 34 6.88 35.60 17.06
CA TYR B 34 6.05 35.34 15.90
C TYR B 34 4.62 34.95 16.27
N GLY B 35 4.27 34.97 17.56
CA GLY B 35 2.94 34.59 18.01
C GLY B 35 2.56 33.13 17.67
N ILE B 36 3.53 32.20 17.78
CA ILE B 36 3.33 30.79 17.45
C ILE B 36 2.52 30.09 18.55
N ARG B 37 1.46 29.43 18.12
CA ARG B 37 0.65 28.56 18.95
C ARG B 37 0.92 27.12 18.53
N PRO B 38 1.69 26.31 19.28
CA PRO B 38 1.94 24.92 18.89
C PRO B 38 0.62 24.20 18.61
N ARG B 39 0.49 23.54 17.47
CA ARG B 39 -0.75 22.82 17.15
C ARG B 39 -0.57 21.31 17.34
N ASP B 40 -1.42 20.69 18.18
CA ASP B 40 -1.33 19.25 18.40
C ASP B 40 -2.01 18.43 17.30
N SER B 41 -2.90 19.02 16.47
CA SER B 41 -3.39 18.34 15.28
C SER B 41 -2.22 17.82 14.43
N ILE B 42 -1.12 18.59 14.37
CA ILE B 42 0.03 18.15 13.57
C ILE B 42 1.21 17.84 14.48
N GLY B 43 0.92 17.53 15.76
CA GLY B 43 1.90 17.05 16.73
C GLY B 43 3.10 17.96 16.91
N GLN B 44 2.90 19.25 17.14
CA GLN B 44 4.02 20.17 17.16
C GLN B 44 4.69 20.12 18.54
N HIS B 45 5.87 19.50 18.54
CA HIS B 45 6.74 19.35 19.71
C HIS B 45 8.16 19.68 19.25
N PHE B 46 8.71 20.81 19.70
CA PHE B 46 10.00 21.32 19.22
C PHE B 46 11.15 20.85 20.14
N LEU B 47 12.17 20.27 19.51
CA LEU B 47 13.39 19.84 20.19
C LEU B 47 14.13 21.06 20.73
N ILE B 48 14.49 21.02 22.03
CA ILE B 48 15.13 22.14 22.72
C ILE B 48 16.42 21.72 23.44
N ILE B 49 16.83 20.43 23.32
CA ILE B 49 18.06 19.96 23.92
C ILE B 49 19.12 19.90 22.83
N GLU B 50 20.15 20.73 22.96
CA GLU B 50 21.21 20.86 21.98
C GLU B 50 22.03 19.58 21.81
N ASP B 51 22.27 18.85 22.90
CA ASP B 51 23.01 17.59 22.85
C ASP B 51 22.37 16.63 21.86
N VAL B 52 21.03 16.66 21.75
CA VAL B 52 20.33 15.70 20.91
C VAL B 52 20.62 16.04 19.44
N ILE B 53 20.58 17.34 19.09
CA ILE B 53 20.91 17.82 17.76
C ILE B 53 22.35 17.49 17.41
N GLU B 54 23.28 17.67 18.35
CA GLU B 54 24.70 17.45 18.09
C GLU B 54 24.98 15.97 17.89
N LYS B 55 24.31 15.10 18.64
CA LYS B 55 24.43 13.65 18.45
C LYS B 55 23.91 13.19 17.07
N ALA B 56 22.74 13.70 16.65
CA ALA B 56 22.20 13.43 15.34
C ALA B 56 23.21 13.83 14.25
N ILE B 57 23.71 15.07 14.32
CA ILE B 57 24.62 15.62 13.33
C ILE B 57 25.84 14.71 13.28
N GLU B 58 26.37 14.38 14.46
CA GLU B 58 27.61 13.64 14.58
C GLU B 58 27.41 12.22 14.05
N THR B 59 26.30 11.58 14.40
CA THR B 59 26.02 10.24 13.88
C THR B 59 25.92 10.29 12.35
N ALA B 60 25.36 11.37 11.81
CA ALA B 60 25.07 11.46 10.39
C ALA B 60 26.35 11.69 9.58
N ASN B 61 27.41 12.18 10.26
CA ASN B 61 28.67 12.51 9.57
C ASN B 61 28.42 13.36 8.33
N VAL B 62 27.74 14.49 8.53
CA VAL B 62 27.34 15.32 7.40
C VAL B 62 28.56 16.02 6.81
N ASN B 63 28.72 15.93 5.48
CA ASN B 63 29.82 16.60 4.80
C ASN B 63 29.30 17.51 3.68
N GLU B 64 30.22 18.31 3.13
CA GLU B 64 29.92 19.37 2.19
C GLU B 64 29.37 18.80 0.89
N ASN B 65 29.46 17.47 0.66
CA ASN B 65 28.92 16.88 -0.55
C ASN B 65 27.52 16.32 -0.36
N ASP B 66 26.99 16.26 0.88
CA ASP B 66 25.74 15.58 1.16
C ASP B 66 24.52 16.42 0.72
N VAL B 67 23.52 15.71 0.18
CA VAL B 67 22.17 16.18 -0.02
C VAL B 67 21.27 15.53 1.04
N ILE B 68 20.71 16.37 1.92
CA ILE B 68 20.02 15.90 3.12
C ILE B 68 18.52 16.12 2.97
N LEU B 69 17.71 15.12 3.36
CA LEU B 69 16.29 15.33 3.56
C LEU B 69 16.01 15.46 5.06
N GLU B 70 15.21 16.48 5.42
CA GLU B 70 14.66 16.66 6.76
C GLU B 70 13.14 16.77 6.66
N VAL B 71 12.45 16.19 7.62
CA VAL B 71 11.00 16.35 7.73
C VAL B 71 10.69 17.13 9.02
N GLY B 72 9.78 18.09 8.90
CA GLY B 72 9.20 18.77 10.05
C GLY B 72 10.25 19.63 10.74
N PRO B 73 10.80 20.66 10.05
CA PRO B 73 11.85 21.48 10.63
C PRO B 73 11.48 22.27 11.88
N GLY B 74 10.18 22.54 12.09
CA GLY B 74 9.76 23.37 13.21
C GLY B 74 10.47 24.73 13.22
N LEU B 75 11.12 25.08 14.34
CA LEU B 75 11.81 26.36 14.46
C LEU B 75 13.21 26.37 13.82
N GLY B 76 13.65 25.23 13.24
CA GLY B 76 14.78 25.22 12.32
C GLY B 76 16.11 24.92 12.98
N PHE B 77 16.10 24.47 14.23
CA PHE B 77 17.33 24.30 15.00
C PHE B 77 18.19 23.19 14.41
N LEU B 78 17.59 22.07 14.03
CA LEU B 78 18.36 21.04 13.36
C LEU B 78 18.70 21.48 11.93
N THR B 79 17.72 22.07 11.23
CA THR B 79 17.86 22.53 9.86
C THR B 79 19.10 23.41 9.73
N ASP B 80 19.23 24.38 10.66
CA ASP B 80 20.31 25.34 10.61
C ASP B 80 21.66 24.63 10.74
N GLU B 81 21.75 23.60 11.57
CA GLU B 81 22.99 22.86 11.72
C GLU B 81 23.30 22.10 10.44
N LEU B 82 22.28 21.64 9.73
CA LEU B 82 22.51 20.87 8.54
C LEU B 82 22.93 21.81 7.41
N ALA B 83 22.31 22.99 7.34
CA ALA B 83 22.61 23.93 6.26
C ALA B 83 24.07 24.36 6.28
N LYS B 84 24.65 24.44 7.48
CA LYS B 84 26.02 24.88 7.70
C LYS B 84 27.02 23.84 7.22
N ARG B 85 26.60 22.56 7.07
CA ARG B 85 27.54 21.49 6.78
C ARG B 85 27.29 20.82 5.43
N ALA B 86 26.07 20.86 4.92
CA ALA B 86 25.70 20.04 3.77
C ALA B 86 25.78 20.85 2.47
N LYS B 87 25.81 20.15 1.33
CA LYS B 87 25.71 20.80 0.02
C LYS B 87 24.34 21.45 -0.10
N LYS B 88 23.31 20.64 0.16
CA LYS B 88 21.94 21.11 0.09
C LYS B 88 21.10 20.35 1.12
N VAL B 89 20.10 21.05 1.67
CA VAL B 89 19.07 20.48 2.51
C VAL B 89 17.71 20.74 1.88
N TYR B 90 16.88 19.68 1.80
CA TYR B 90 15.46 19.84 1.53
C TYR B 90 14.73 19.63 2.83
N THR B 91 13.76 20.48 3.17
CA THR B 91 13.03 20.28 4.41
C THR B 91 11.53 20.41 4.14
N ILE B 92 10.74 19.41 4.58
CA ILE B 92 9.31 19.33 4.30
C ILE B 92 8.49 19.73 5.55
N GLU B 93 7.69 20.77 5.38
CA GLU B 93 6.95 21.34 6.49
C GLU B 93 5.50 21.54 6.06
N ILE B 94 4.58 20.99 6.87
CA ILE B 94 3.14 21.03 6.61
C ILE B 94 2.53 22.37 7.07
N ASP B 95 3.12 23.06 8.05
CA ASP B 95 2.54 24.30 8.57
C ASP B 95 3.10 25.50 7.80
N GLN B 96 2.23 26.17 7.04
CA GLN B 96 2.65 27.28 6.16
C GLN B 96 3.20 28.44 6.98
N LYS B 97 2.61 28.67 8.16
CA LYS B 97 3.07 29.76 8.99
C LYS B 97 4.51 29.54 9.47
N ILE B 98 4.84 28.29 9.85
CA ILE B 98 6.19 27.93 10.26
C ILE B 98 7.15 28.19 9.11
N ILE B 99 6.73 27.88 7.88
CA ILE B 99 7.56 28.15 6.70
C ILE B 99 7.89 29.64 6.59
N GLU B 100 6.88 30.49 6.77
CA GLU B 100 7.07 31.93 6.67
C GLU B 100 8.06 32.40 7.75
N ILE B 101 7.99 31.80 8.95
CA ILE B 101 8.87 32.17 10.03
C ILE B 101 10.30 31.76 9.68
N LEU B 102 10.47 30.53 9.14
CA LEU B 102 11.79 30.05 8.76
C LEU B 102 12.41 31.00 7.73
N LYS B 103 11.60 31.46 6.78
CA LYS B 103 12.05 32.34 5.72
C LYS B 103 12.50 33.70 6.27
N LYS B 104 11.81 34.20 7.31
CA LYS B 104 12.16 35.47 7.93
C LYS B 104 13.34 35.29 8.88
N GLU B 105 13.37 34.19 9.62
CA GLU B 105 14.31 34.07 10.71
C GLU B 105 15.70 33.71 10.19
N TYR B 106 15.80 32.91 9.11
CA TYR B 106 17.10 32.41 8.65
C TYR B 106 17.42 32.94 7.26
N SER B 107 18.68 32.87 6.89
CA SER B 107 19.12 33.31 5.56
C SER B 107 19.97 32.23 4.89
N TRP B 108 19.41 31.03 4.81
CA TRP B 108 20.06 29.90 4.18
C TRP B 108 20.23 30.12 2.69
N ASN B 109 21.42 29.86 2.17
CA ASN B 109 21.65 29.87 0.73
C ASN B 109 21.33 28.50 0.13
N ASN B 110 21.23 27.43 0.95
CA ASN B 110 21.27 26.05 0.45
C ASN B 110 20.15 25.16 1.02
N VAL B 111 19.03 25.77 1.42
CA VAL B 111 17.86 25.07 1.91
C VAL B 111 16.64 25.36 1.04
N LYS B 112 16.04 24.28 0.53
CA LYS B 112 14.75 24.36 -0.12
C LYS B 112 13.70 23.84 0.85
N ILE B 113 12.76 24.72 1.21
CA ILE B 113 11.64 24.35 2.03
C ILE B 113 10.51 23.92 1.11
N ILE B 114 9.98 22.72 1.37
CA ILE B 114 8.89 22.15 0.61
C ILE B 114 7.66 22.13 1.52
N GLN B 115 6.59 22.69 0.99
CA GLN B 115 5.37 22.80 1.76
C GLN B 115 4.55 21.56 1.50
N GLY B 116 4.07 20.91 2.56
CA GLY B 116 3.19 19.78 2.38
C GLY B 116 3.42 18.74 3.47
N ASP B 117 2.60 17.70 3.39
CA ASP B 117 2.74 16.51 4.21
C ASP B 117 3.85 15.63 3.62
N ALA B 118 4.89 15.30 4.41
CA ALA B 118 6.03 14.52 3.92
C ALA B 118 5.59 13.16 3.39
N VAL B 119 4.47 12.64 3.88
CA VAL B 119 3.95 11.37 3.43
C VAL B 119 3.35 11.49 2.03
N ARG B 120 2.91 12.69 1.61
CA ARG B 120 2.16 12.85 0.37
C ARG B 120 3.03 13.46 -0.74
N VAL B 121 3.87 14.45 -0.43
CA VAL B 121 4.62 15.13 -1.48
C VAL B 121 5.72 14.21 -2.06
N GLU B 122 6.11 14.53 -3.30
CA GLU B 122 7.27 13.91 -3.92
C GLU B 122 8.56 14.32 -3.20
N TRP B 123 9.41 13.34 -2.90
CA TRP B 123 10.67 13.58 -2.22
C TRP B 123 11.74 14.03 -3.21
N PRO B 124 12.74 14.81 -2.77
CA PRO B 124 13.94 15.02 -3.57
C PRO B 124 14.78 13.74 -3.58
N LYS B 125 15.82 13.75 -4.43
CA LYS B 125 16.91 12.78 -4.35
C LYS B 125 17.84 13.27 -3.24
N PHE B 126 18.20 12.38 -2.32
CA PHE B 126 19.07 12.74 -1.20
C PHE B 126 19.99 11.56 -0.94
N ASN B 127 21.12 11.79 -0.28
CA ASN B 127 21.87 10.63 0.14
C ASN B 127 21.72 10.38 1.64
N LYS B 128 21.28 11.38 2.43
CA LYS B 128 21.08 11.18 3.86
C LYS B 128 19.80 11.84 4.33
N VAL B 129 19.11 11.17 5.27
CA VAL B 129 18.03 11.76 6.04
C VAL B 129 18.58 11.99 7.44
N VAL B 130 18.41 13.23 7.91
CA VAL B 130 18.70 13.61 9.28
C VAL B 130 17.50 14.40 9.76
N SER B 131 16.71 13.78 10.65
CA SER B 131 15.42 14.35 10.93
C SER B 131 14.84 13.86 12.25
N ASN B 132 14.12 14.78 12.89
CA ASN B 132 13.03 14.37 13.77
C ASN B 132 11.90 13.82 12.88
N ILE B 133 11.28 12.70 13.30
CA ILE B 133 10.10 12.20 12.59
C ILE B 133 8.83 12.45 13.43
N PRO B 134 7.86 13.25 12.91
CA PRO B 134 6.58 13.48 13.60
C PRO B 134 5.90 12.14 13.93
N TYR B 135 5.51 11.96 15.19
CA TYR B 135 5.08 10.69 15.74
C TYR B 135 4.03 10.06 14.85
N LYS B 136 3.11 10.88 14.33
CA LYS B 136 1.93 10.37 13.67
C LYS B 136 2.24 9.76 12.29
N ILE B 137 3.41 10.06 11.69
CA ILE B 137 3.69 9.56 10.35
C ILE B 137 4.83 8.54 10.39
N SER B 138 5.15 8.02 11.57
CA SER B 138 6.28 7.13 11.72
C SER B 138 6.28 6.01 10.68
N SER B 139 5.16 5.31 10.59
CA SER B 139 5.04 4.14 9.74
C SER B 139 5.09 4.52 8.25
N PRO B 140 4.20 5.38 7.69
CA PRO B 140 4.26 5.71 6.25
C PRO B 140 5.57 6.39 5.82
N PHE B 141 6.16 7.23 6.67
CA PHE B 141 7.47 7.80 6.40
C PHE B 141 8.52 6.70 6.23
N THR B 142 8.52 5.71 7.15
CA THR B 142 9.57 4.71 7.18
C THR B 142 9.44 3.77 5.98
N PHE B 143 8.22 3.31 5.67
CA PHE B 143 8.01 2.50 4.48
C PHE B 143 8.40 3.26 3.22
N LYS B 144 8.13 4.56 3.15
CA LYS B 144 8.50 5.30 1.95
C LYS B 144 10.02 5.36 1.85
N LEU B 145 10.69 5.57 3.01
CA LEU B 145 12.14 5.68 3.05
C LEU B 145 12.80 4.37 2.62
N LEU B 146 12.22 3.23 2.96
CA LEU B 146 12.86 1.95 2.70
C LEU B 146 12.80 1.60 1.21
N LYS B 147 11.98 2.32 0.44
CA LYS B 147 11.90 2.15 -1.01
C LYS B 147 12.78 3.16 -1.75
N THR B 148 13.71 3.78 -1.01
CA THR B 148 14.53 4.89 -1.47
C THR B 148 16.00 4.43 -1.47
N ASP B 149 16.79 5.04 -2.35
CA ASP B 149 18.24 5.03 -2.32
C ASP B 149 18.79 6.09 -1.38
N PHE B 150 19.45 5.65 -0.31
CA PHE B 150 20.05 6.57 0.63
C PHE B 150 21.26 5.84 1.18
N GLU B 151 22.27 6.59 1.61
CA GLU B 151 23.48 6.07 2.21
C GLU B 151 23.38 5.96 3.74
N ARG B 152 22.58 6.80 4.37
CA ARG B 152 22.53 6.86 5.82
C ARG B 152 21.26 7.59 6.26
N ALA B 153 20.65 7.12 7.34
CA ALA B 153 19.51 7.79 7.94
C ALA B 153 19.75 7.90 9.45
N VAL B 154 19.54 9.10 10.00
CA VAL B 154 19.61 9.36 11.43
C VAL B 154 18.31 10.08 11.76
N VAL B 155 17.37 9.35 12.39
CA VAL B 155 15.98 9.75 12.47
C VAL B 155 15.50 9.52 13.91
N MET B 156 14.74 10.50 14.44
CA MET B 156 14.19 10.44 15.78
C MET B 156 12.73 9.97 15.67
N TYR B 157 12.46 8.83 16.31
CA TYR B 157 11.15 8.24 16.35
C TYR B 157 10.63 8.16 17.78
N GLN B 158 9.31 8.17 17.94
CA GLN B 158 8.66 7.67 19.16
C GLN B 158 9.37 6.37 19.57
N LEU B 159 9.74 6.27 20.87
CA LEU B 159 10.51 5.15 21.39
C LEU B 159 9.89 3.78 21.04
N GLU B 160 8.59 3.68 21.14
CA GLU B 160 7.88 2.43 20.89
C GLU B 160 8.07 1.98 19.44
N PHE B 161 8.08 2.94 18.50
CA PHE B 161 8.28 2.64 17.10
C PHE B 161 9.74 2.25 16.80
N ALA B 162 10.70 3.01 17.35
CA ALA B 162 12.12 2.62 17.31
C ALA B 162 12.33 1.19 17.79
N LEU B 163 11.75 0.80 18.94
CA LEU B 163 11.95 -0.53 19.51
C LEU B 163 11.44 -1.60 18.54
N ARG B 164 10.33 -1.28 17.87
CA ARG B 164 9.75 -2.11 16.82
C ARG B 164 10.71 -2.24 15.63
N MET B 165 11.38 -1.17 15.27
CA MET B 165 12.27 -1.22 14.11
C MET B 165 13.51 -2.10 14.33
N VAL B 166 14.03 -2.16 15.58
CA VAL B 166 15.23 -2.91 15.88
C VAL B 166 14.88 -4.27 16.52
N ALA B 167 13.58 -4.58 16.66
CA ALA B 167 13.21 -5.85 17.28
C ALA B 167 13.83 -6.98 16.49
N LYS B 168 14.28 -8.01 17.22
CA LYS B 168 14.91 -9.16 16.62
C LYS B 168 13.88 -10.21 16.23
N PRO B 169 14.17 -11.04 15.19
CA PRO B 169 13.34 -12.20 14.87
C PRO B 169 13.13 -13.05 16.10
N GLY B 170 11.84 -13.41 16.33
CA GLY B 170 11.46 -14.22 17.47
C GLY B 170 10.99 -13.41 18.67
N SER B 171 11.27 -12.10 18.69
CA SER B 171 10.76 -11.26 19.76
C SER B 171 9.28 -10.94 19.50
N ARG B 172 8.64 -10.38 20.54
CA ARG B 172 7.19 -10.23 20.58
C ARG B 172 6.78 -9.15 19.58
N ASN B 173 7.57 -8.10 19.43
CA ASN B 173 7.17 -6.97 18.57
C ASN B 173 7.86 -7.03 17.20
N TYR B 174 8.39 -8.20 16.78
CA TYR B 174 8.97 -8.34 15.45
C TYR B 174 7.83 -8.40 14.43
N SER B 175 7.87 -7.48 13.47
CA SER B 175 6.77 -7.29 12.55
C SER B 175 7.31 -6.99 11.14
N ARG B 176 6.40 -6.77 10.18
CA ARG B 176 6.79 -6.57 8.79
C ARG B 176 7.80 -5.42 8.70
N LEU B 177 7.56 -4.36 9.48
CA LEU B 177 8.44 -3.21 9.51
C LEU B 177 9.86 -3.60 9.92
N SER B 178 9.97 -4.31 11.03
CA SER B 178 11.22 -4.84 11.56
C SER B 178 11.97 -5.55 10.45
N LEU B 179 11.27 -6.51 9.81
CA LEU B 179 11.86 -7.30 8.74
C LEU B 179 12.31 -6.45 7.56
N MET B 180 11.47 -5.53 7.08
CA MET B 180 11.84 -4.81 5.87
C MET B 180 13.03 -3.87 6.14
N ALA B 181 13.04 -3.27 7.34
CA ALA B 181 14.06 -2.31 7.70
C ALA B 181 15.41 -3.02 7.89
N GLN B 182 15.40 -4.19 8.55
CA GLN B 182 16.64 -4.95 8.77
C GLN B 182 17.12 -5.64 7.50
N ALA B 183 16.20 -5.90 6.56
CA ALA B 183 16.52 -6.40 5.24
C ALA B 183 17.35 -5.38 4.48
N LEU B 184 17.05 -4.10 4.67
CA LEU B 184 17.70 -3.03 3.92
C LEU B 184 19.03 -2.67 4.57
N GLY B 185 19.04 -2.60 5.91
CA GLY B 185 20.17 -2.02 6.63
C GLY B 185 20.42 -2.60 8.02
N ASN B 186 21.58 -2.22 8.55
CA ASN B 186 21.83 -2.25 9.98
C ASN B 186 21.01 -1.13 10.62
N VAL B 187 20.14 -1.49 11.57
CA VAL B 187 19.27 -0.57 12.27
C VAL B 187 19.60 -0.63 13.76
N GLU B 188 19.96 0.51 14.37
CA GLU B 188 20.16 0.48 15.81
C GLU B 188 19.68 1.79 16.47
N ILE B 189 19.41 1.67 17.78
CA ILE B 189 19.12 2.81 18.60
C ILE B 189 20.43 3.38 19.15
N VAL B 190 20.70 4.66 18.85
CA VAL B 190 21.92 5.33 19.27
C VAL B 190 21.73 6.02 20.61
N MET B 191 20.53 6.57 20.88
CA MET B 191 20.27 7.31 22.11
C MET B 191 18.75 7.29 22.36
N LYS B 192 18.35 7.13 23.62
CA LYS B 192 17.00 7.39 24.02
C LYS B 192 16.87 8.88 24.35
N ILE B 193 15.72 9.47 24.02
CA ILE B 193 15.47 10.88 24.21
C ILE B 193 14.19 11.02 25.04
N GLY B 194 14.32 11.53 26.25
CA GLY B 194 13.19 11.77 27.11
C GLY B 194 12.25 12.84 26.56
N LYS B 195 10.98 12.71 26.90
CA LYS B 195 9.93 13.64 26.52
C LYS B 195 10.24 15.07 26.98
N GLY B 196 10.97 15.23 28.10
CA GLY B 196 11.37 16.55 28.58
C GLY B 196 12.28 17.28 27.60
N ALA B 197 12.65 16.63 26.48
CA ALA B 197 13.55 17.22 25.49
C ALA B 197 12.80 18.06 24.46
N PHE B 198 11.46 18.09 24.55
CA PHE B 198 10.63 18.78 23.58
C PHE B 198 9.70 19.78 24.29
N TYR B 199 9.45 20.92 23.66
CA TYR B 199 8.37 21.82 24.07
C TYR B 199 7.36 21.94 22.91
N PRO B 200 6.03 21.83 23.16
CA PRO B 200 5.47 21.40 24.46
C PRO B 200 5.86 19.95 24.73
N ARG B 201 5.78 19.57 26.00
CA ARG B 201 6.22 18.25 26.42
C ARG B 201 5.25 17.21 25.86
N PRO B 202 5.67 16.18 25.07
CA PRO B 202 4.74 15.16 24.56
C PRO B 202 4.46 14.09 25.62
N LYS B 203 3.67 13.10 25.26
CA LYS B 203 3.28 12.03 26.18
C LYS B 203 4.11 10.78 25.93
N VAL B 204 4.99 10.84 24.92
CA VAL B 204 5.85 9.72 24.59
C VAL B 204 7.32 10.17 24.52
N ASP B 205 8.19 9.20 24.85
CA ASP B 205 9.62 9.35 24.67
C ASP B 205 9.99 9.05 23.21
N SER B 206 11.25 9.40 22.87
CA SER B 206 11.80 9.24 21.55
C SER B 206 13.11 8.43 21.59
N ALA B 207 13.55 7.99 20.42
CA ALA B 207 14.87 7.39 20.27
C ALA B 207 15.48 7.85 18.95
N LEU B 208 16.79 8.03 18.95
CA LEU B 208 17.57 8.32 17.76
C LEU B 208 18.00 7.00 17.12
N VAL B 209 17.60 6.80 15.85
CA VAL B 209 17.82 5.56 15.14
C VAL B 209 18.74 5.79 13.94
N LEU B 210 19.72 4.90 13.83
CA LEU B 210 20.67 4.89 12.74
C LEU B 210 20.27 3.76 11.80
N ILE B 211 20.14 4.08 10.51
CA ILE B 211 19.97 3.08 9.48
C ILE B 211 21.15 3.18 8.52
N GLU B 212 21.92 2.09 8.45
CA GLU B 212 23.14 1.97 7.66
C GLU B 212 22.77 0.92 6.59
N PRO B 213 22.39 1.32 5.36
CA PRO B 213 22.08 0.37 4.30
C PRO B 213 23.15 -0.69 4.07
N ARG B 214 22.71 -1.95 3.93
CA ARG B 214 23.60 -3.09 3.76
C ARG B 214 24.26 -3.00 2.38
N LYS B 215 25.54 -3.37 2.33
CA LYS B 215 26.20 -3.78 1.09
C LYS B 215 25.39 -4.92 0.45
N ASP B 216 25.10 -5.96 1.26
CA ASP B 216 24.27 -7.11 0.88
C ASP B 216 22.79 -6.85 1.14
N LYS B 217 22.18 -5.88 0.42
CA LYS B 217 20.76 -5.57 0.57
C LYS B 217 19.95 -6.82 0.27
N ILE B 218 19.00 -7.19 1.13
CA ILE B 218 18.08 -8.26 0.79
C ILE B 218 16.77 -7.63 0.30
N VAL B 219 16.43 -7.91 -0.96
CA VAL B 219 15.25 -7.36 -1.60
C VAL B 219 14.16 -8.43 -1.63
N LEU B 220 13.05 -8.16 -0.93
CA LEU B 220 12.02 -9.13 -0.61
C LEU B 220 10.74 -8.71 -1.31
N ASN B 221 10.10 -9.69 -1.96
CA ASN B 221 8.80 -9.55 -2.59
C ASN B 221 7.75 -9.11 -1.56
N GLU B 222 7.19 -7.91 -1.75
CA GLU B 222 6.33 -7.31 -0.74
C GLU B 222 5.05 -8.11 -0.61
N ASN B 223 4.58 -8.78 -1.67
CA ASN B 223 3.38 -9.61 -1.59
C ASN B 223 3.61 -10.88 -0.78
N LEU B 224 4.79 -11.50 -0.91
CA LEU B 224 5.11 -12.66 -0.10
C LEU B 224 5.13 -12.22 1.37
N VAL B 225 5.78 -11.09 1.65
CA VAL B 225 5.98 -10.63 3.02
C VAL B 225 4.64 -10.31 3.68
N LYS B 226 3.77 -9.59 2.95
CA LYS B 226 2.44 -9.25 3.44
C LYS B 226 1.65 -10.52 3.73
N ALA B 227 1.68 -11.48 2.80
CA ALA B 227 1.00 -12.76 3.02
C ALA B 227 1.51 -13.45 4.28
N LEU B 228 2.84 -13.55 4.44
CA LEU B 228 3.41 -14.24 5.60
C LEU B 228 3.02 -13.50 6.89
N PHE B 229 3.05 -12.17 6.88
CA PHE B 229 2.96 -11.40 8.11
C PHE B 229 1.51 -11.02 8.45
N GLN B 230 0.57 -11.39 7.57
CA GLN B 230 -0.85 -11.23 7.85
C GLN B 230 -1.17 -11.96 9.15
N HIS B 231 -0.66 -13.18 9.31
CA HIS B 231 -0.79 -13.95 10.54
C HIS B 231 0.60 -14.47 10.90
N ARG B 232 1.38 -13.62 11.58
CA ARG B 232 2.80 -13.88 11.76
C ARG B 232 3.06 -14.89 12.87
N ARG B 233 2.04 -15.31 13.64
CA ARG B 233 2.26 -16.34 14.66
C ARG B 233 2.15 -17.73 14.04
N LYS B 234 1.77 -17.83 12.76
CA LYS B 234 1.58 -19.13 12.11
C LYS B 234 2.93 -19.73 11.71
N THR B 235 2.97 -21.07 11.64
CA THR B 235 4.08 -21.75 10.99
C THR B 235 4.14 -21.33 9.52
N VAL B 236 5.35 -21.37 8.98
CA VAL B 236 5.56 -21.08 7.58
C VAL B 236 4.66 -21.95 6.69
N PRO B 237 4.56 -23.29 6.86
CA PRO B 237 3.68 -24.09 6.01
C PRO B 237 2.23 -23.64 6.07
N ARG B 238 1.74 -23.36 7.30
CA ARG B 238 0.38 -22.91 7.50
C ARG B 238 0.10 -21.57 6.81
N ALA B 239 1.01 -20.57 6.92
CA ALA B 239 0.79 -19.28 6.29
C ALA B 239 0.79 -19.44 4.77
N LEU B 240 1.64 -20.36 4.26
CA LEU B 240 1.71 -20.60 2.83
C LEU B 240 0.44 -21.32 2.35
N LYS B 241 -0.03 -22.27 3.15
CA LYS B 241 -1.26 -22.99 2.83
C LYS B 241 -2.43 -22.00 2.65
N ASP B 242 -2.47 -20.97 3.49
CA ASP B 242 -3.53 -19.98 3.46
C ASP B 242 -3.29 -18.89 2.41
N SER B 243 -2.18 -18.93 1.64
CA SER B 243 -1.89 -17.83 0.72
C SER B 243 -1.80 -18.31 -0.74
N ILE B 244 -1.58 -19.61 -0.97
CA ILE B 244 -1.27 -20.07 -2.33
C ILE B 244 -2.54 -20.56 -3.00
N HIS B 245 -2.81 -20.00 -4.18
CA HIS B 245 -3.98 -20.32 -4.99
C HIS B 245 -3.59 -21.27 -6.13
N MET B 246 -4.65 -21.88 -6.70
CA MET B 246 -4.53 -22.86 -7.77
C MET B 246 -4.42 -22.15 -9.13
N LEU B 247 -3.36 -21.34 -9.21
CA LEU B 247 -3.04 -20.46 -10.32
C LEU B 247 -1.80 -21.07 -10.97
N GLY B 248 -2.07 -21.87 -12.01
CA GLY B 248 -1.04 -22.65 -12.68
C GLY B 248 -0.41 -23.72 -11.78
N VAL B 249 -1.14 -24.21 -10.77
CA VAL B 249 -0.63 -25.23 -9.86
C VAL B 249 -1.82 -25.93 -9.18
N SER B 250 -1.86 -27.27 -9.24
CA SER B 250 -2.96 -28.07 -8.72
C SER B 250 -2.89 -28.16 -7.20
N LYS B 251 -3.89 -28.80 -6.57
CA LYS B 251 -3.93 -28.96 -5.13
C LYS B 251 -2.77 -29.84 -4.65
N ASP B 252 -2.56 -30.97 -5.32
CA ASP B 252 -1.47 -31.88 -4.97
C ASP B 252 -0.11 -31.24 -5.22
N GLU B 253 0.04 -30.41 -6.26
CA GLU B 253 1.32 -29.76 -6.47
C GLU B 253 1.54 -28.76 -5.31
N ILE B 254 0.50 -28.07 -4.84
CA ILE B 254 0.67 -27.10 -3.77
C ILE B 254 1.10 -27.81 -2.48
N ARG B 255 0.51 -28.98 -2.21
CA ARG B 255 0.85 -29.78 -1.04
C ARG B 255 2.33 -30.20 -1.12
N GLY B 256 2.79 -30.63 -2.31
CA GLY B 256 4.20 -30.95 -2.49
C GLY B 256 5.14 -29.76 -2.23
N ILE B 257 4.72 -28.57 -2.69
CA ILE B 257 5.51 -27.35 -2.57
C ILE B 257 5.67 -26.94 -1.10
N ILE B 258 4.57 -26.98 -0.37
CA ILE B 258 4.56 -26.62 1.04
C ILE B 258 5.35 -27.63 1.87
N ASN B 259 5.27 -28.92 1.53
CA ASN B 259 5.95 -29.95 2.30
C ASN B 259 7.47 -29.70 2.32
N ASN B 260 8.00 -29.17 1.21
CA ASN B 260 9.43 -29.01 1.09
C ASN B 260 9.87 -27.55 1.25
N VAL B 261 9.01 -26.68 1.79
CA VAL B 261 9.40 -25.28 1.91
C VAL B 261 10.58 -25.14 2.88
N PRO B 262 11.61 -24.31 2.56
CA PRO B 262 12.64 -23.99 3.54
C PRO B 262 12.00 -23.41 4.81
N HIS B 263 12.59 -23.75 5.96
CA HIS B 263 12.30 -23.11 7.25
C HIS B 263 10.89 -23.52 7.71
N SER B 264 10.45 -24.70 7.29
CA SER B 264 9.17 -25.28 7.68
C SER B 264 8.98 -25.32 9.20
N ASN B 265 10.05 -25.39 10.00
CA ASN B 265 9.88 -25.51 11.44
C ASN B 265 9.72 -24.14 12.12
N LYS B 266 9.88 -23.03 11.38
CA LYS B 266 9.72 -21.73 12.00
C LYS B 266 8.29 -21.23 11.84
N ARG B 267 7.96 -20.32 12.75
CA ARG B 267 6.83 -19.43 12.60
C ARG B 267 7.34 -18.14 11.96
N VAL B 268 6.42 -17.42 11.33
CA VAL B 268 6.76 -16.28 10.50
C VAL B 268 7.55 -15.26 11.31
N PHE B 269 7.11 -15.00 12.55
CA PHE B 269 7.72 -13.96 13.36
C PHE B 269 9.16 -14.34 13.78
N GLN B 270 9.65 -15.53 13.42
CA GLN B 270 10.99 -15.95 13.79
C GLN B 270 11.96 -15.87 12.61
N LEU B 271 11.48 -15.41 11.45
CA LEU B 271 12.27 -15.42 10.22
C LEU B 271 13.15 -14.16 10.10
N TYR B 272 14.44 -14.41 9.84
CA TYR B 272 15.35 -13.38 9.37
C TYR B 272 15.00 -13.04 7.93
N PRO B 273 15.39 -11.85 7.44
CA PRO B 273 15.31 -11.52 6.01
C PRO B 273 15.88 -12.58 5.07
N GLU B 274 17.03 -13.14 5.43
CA GLU B 274 17.67 -14.17 4.62
C GLU B 274 16.78 -15.40 4.47
N GLU B 275 15.99 -15.74 5.51
CA GLU B 275 15.14 -16.92 5.51
C GLU B 275 13.88 -16.67 4.67
N VAL B 276 13.33 -15.44 4.76
CA VAL B 276 12.24 -15.08 3.88
C VAL B 276 12.70 -15.18 2.42
N LYS B 277 13.91 -14.69 2.15
CA LYS B 277 14.51 -14.74 0.82
C LYS B 277 14.60 -16.18 0.30
N ASP B 278 15.02 -17.13 1.15
CA ASP B 278 15.04 -18.54 0.79
C ASP B 278 13.65 -19.01 0.34
N ILE B 279 12.61 -18.61 1.09
CA ILE B 279 11.25 -19.06 0.79
C ILE B 279 10.83 -18.49 -0.55
N GLU B 280 11.16 -17.21 -0.74
CA GLU B 280 10.85 -16.47 -1.96
C GLU B 280 11.52 -17.12 -3.18
N GLU B 281 12.83 -17.44 -3.07
CA GLU B 281 13.56 -18.05 -4.17
C GLU B 281 12.99 -19.45 -4.47
N TYR B 282 12.60 -20.18 -3.42
CA TYR B 282 12.02 -21.49 -3.53
C TYR B 282 10.67 -21.41 -4.24
N LEU B 283 9.83 -20.46 -3.84
CA LEU B 283 8.57 -20.29 -4.52
C LEU B 283 8.77 -19.88 -5.98
N LYS B 284 9.76 -19.02 -6.26
CA LYS B 284 10.03 -18.60 -7.64
C LYS B 284 10.40 -19.82 -8.50
N LYS B 285 11.28 -20.69 -8.02
CA LYS B 285 11.69 -21.85 -8.81
C LYS B 285 10.55 -22.82 -9.09
N HIS B 286 9.47 -22.81 -8.29
CA HIS B 286 8.31 -23.67 -8.52
C HIS B 286 7.18 -22.90 -9.21
N GLY B 287 7.39 -21.64 -9.60
CA GLY B 287 6.48 -20.95 -10.47
C GLY B 287 5.46 -20.05 -9.76
N ILE B 288 5.52 -20.00 -8.41
CA ILE B 288 4.48 -19.38 -7.61
C ILE B 288 4.63 -17.86 -7.54
N ILE B 289 5.81 -17.32 -7.83
CA ILE B 289 6.01 -15.86 -7.73
C ILE B 289 6.49 -15.31 -9.08
N SER B 290 5.55 -14.67 -9.81
CA SER B 290 5.82 -13.51 -10.69
C SER B 290 4.52 -13.04 -11.35
CS MTA C . -6.69 -13.80 -21.23
S5' MTA C . -5.45 -14.37 -20.08
C5' MTA C . -4.82 -12.86 -19.60
C4' MTA C . -4.43 -12.05 -20.78
O4' MTA C . -3.89 -10.90 -20.13
C2' MTA C . -2.07 -12.23 -20.84
O2' MTA C . -0.90 -12.05 -21.59
C3' MTA C . -3.31 -12.60 -21.67
O3' MTA C . -3.29 -12.02 -22.98
C1' MTA C . -2.51 -10.87 -20.29
N9 MTA C . -1.98 -10.48 -19.00
C8 MTA C . -1.70 -11.28 -17.94
N7 MTA C . -1.25 -10.62 -16.91
C5 MTA C . -1.35 -9.28 -17.29
C6 MTA C . -1.06 -8.09 -16.61
N6 MTA C . -0.59 -8.07 -15.35
N1 MTA C . -1.24 -6.92 -17.29
C2 MTA C . -1.71 -6.98 -18.55
N3 MTA C . -2.00 -8.05 -19.28
C4 MTA C . -1.80 -9.17 -18.58
O5' ADN D . -6.67 4.56 14.55
C5' ADN D . -6.19 4.37 13.21
C4' ADN D . -4.70 4.74 12.98
O4' ADN D . -4.51 6.16 13.24
C3' ADN D . -3.65 4.07 13.88
O3' ADN D . -3.17 2.77 13.55
C2' ADN D . -2.47 5.05 13.75
O2' ADN D . -1.73 4.92 12.58
C1' ADN D . -3.20 6.39 13.75
N9 ADN D . -3.26 6.96 15.09
C8 ADN D . -3.32 6.27 16.27
N7 ADN D . -3.36 7.02 17.33
C5 ADN D . -3.31 8.30 16.82
C6 ADN D . -3.34 9.56 17.45
N6 ADN D . -3.39 9.70 18.77
N1 ADN D . -3.24 10.66 16.66
C2 ADN D . -3.16 10.47 15.33
N3 ADN D . -3.17 9.34 14.62
C4 ADN D . -3.23 8.28 15.44
ZN ZN E . -3.23 -21.04 -15.35
ZN ZN F . 1.41 3.41 21.19
ZN ZN G . -7.54 -19.64 -3.71
ZN ZN H . -14.41 -26.87 -32.84
ZN ZN I . -13.01 -7.18 -36.21
ZN ZN J . -29.75 -10.66 -23.08
ZN ZN K . -6.50 -11.90 14.49
CL CL L . -3.43 -19.31 -14.06
CL CL M . -0.49 1.31 22.30
CL CL N . -15.94 -7.33 -36.69
S SO3 O . 2.95 -14.83 -25.95
O1 SO3 O . 2.45 -16.12 -25.31
O2 SO3 O . 4.50 -14.91 -25.91
O3 SO3 O . 2.44 -14.91 -27.45
S SO3 P . -23.97 -0.32 15.48
O1 SO3 P . -24.88 -0.45 14.23
O2 SO3 P . -23.71 -1.79 16.14
O3 SO3 P . -24.86 0.48 16.34
C1 GOL Q . -7.70 -7.43 2.54
O1 GOL Q . -8.72 -7.55 1.56
C2 GOL Q . -7.92 -8.35 3.74
O2 GOL Q . -6.81 -9.25 3.85
C3 GOL Q . -8.12 -7.61 5.05
O3 GOL Q . -9.22 -8.11 5.78
C1 GOL R . -24.32 4.46 -19.48
O1 GOL R . -23.91 5.83 -19.36
C2 GOL R . -24.53 3.75 -18.13
O2 GOL R . -23.49 3.99 -17.17
C3 GOL R . -24.68 2.25 -18.33
O3 GOL R . -25.78 1.69 -17.62
C1 GOL S . -5.77 0.10 -0.05
O1 GOL S . -5.06 0.50 -1.21
C2 GOL S . -6.51 1.25 0.61
O2 GOL S . -7.66 1.57 -0.16
C3 GOL S . -6.92 0.98 2.05
O3 GOL S . -8.22 0.41 2.18
C1 GOL T . 0.27 -11.80 -14.76
O1 GOL T . -1.04 -12.38 -14.74
C2 GOL T . 0.97 -11.83 -13.41
O2 GOL T . 2.13 -12.67 -13.48
C3 GOL T . 1.35 -10.47 -12.88
O3 GOL T . 1.29 -9.45 -13.88
C1 GOL U . -11.27 13.43 24.16
O1 GOL U . -11.53 12.44 25.15
C2 GOL U . -12.52 14.02 23.54
O2 GOL U . -12.15 15.14 22.74
C3 GOL U . -13.58 14.40 24.56
O3 GOL U . -14.32 15.58 24.22
C1 GOL V . -28.33 -4.36 -12.77
O1 GOL V . -27.90 -4.62 -14.11
C2 GOL V . -28.07 -5.56 -11.88
O2 GOL V . -28.78 -5.44 -10.66
C3 GOL V . -28.38 -6.90 -12.53
O3 GOL V . -27.72 -7.06 -13.78
C1 EDO W . -7.06 6.56 -31.07
O1 EDO W . -7.67 7.83 -31.18
C2 EDO W . -5.64 6.65 -30.65
O2 EDO W . -4.80 6.13 -31.63
C1 EDO X . -5.09 -1.83 -35.37
O1 EDO X . -4.40 -3.07 -35.18
C2 EDO X . -5.63 -1.17 -34.14
O2 EDO X . -4.82 -1.31 -32.98
C1 EDO Y . -6.83 -13.66 -1.68
O1 EDO Y . -7.18 -14.51 -0.60
C2 EDO Y . -7.78 -13.58 -2.85
O2 EDO Y . -9.14 -13.92 -2.60
C1 EDO Z . -29.50 -4.40 -22.31
O1 EDO Z . -28.18 -3.86 -22.48
C2 EDO Z . -29.85 -5.53 -23.23
O2 EDO Z . -30.14 -6.75 -22.53
C ACT AA . -12.59 -20.88 -7.38
O ACT AA . -11.92 -19.84 -7.31
OXT ACT AA . -12.60 -21.66 -8.35
CH3 ACT AA . -13.57 -21.17 -6.27
N ARG BA . -9.48 10.04 37.13
CA ARG BA . -8.48 10.66 36.21
C ARG BA . -9.11 10.83 34.81
O ARG BA . -8.61 11.68 34.02
CB ARG BA . -7.21 9.81 36.16
CG ARG BA . -6.52 9.53 37.49
CD ARG BA . -5.29 8.65 37.32
NE ARG BA . -5.63 7.39 36.66
CZ ARG BA . -5.12 6.94 35.50
NH1 ARG BA . -5.59 5.84 34.95
NH2 ARG BA . -4.15 7.61 34.90
OXT ARG BA . -10.10 10.12 34.56
CS MTA CA . 8.34 19.42 15.60
S5' MTA CA . 6.80 18.51 15.48
C5' MTA CA . 6.83 18.18 13.79
C4' MTA CA . 7.23 19.36 12.98
O4' MTA CA . 6.89 18.84 11.70
C2' MTA CA . 5.12 20.28 12.34
O2' MTA CA . 4.41 21.38 11.82
C3' MTA CA . 6.40 20.66 13.13
O3' MTA CA . 7.07 21.80 12.63
C1' MTA CA . 5.71 19.43 11.22
N9 MTA CA . 4.92 18.33 10.73
C8 MTA CA . 4.05 17.51 11.41
N7 MTA CA . 3.51 16.61 10.64
C5 MTA CA . 4.10 16.80 9.41
C6 MTA CA . 3.98 16.12 8.18
N6 MTA CA . 3.16 15.10 7.97
N1 MTA CA . 4.72 16.59 7.15
C2 MTA CA . 5.56 17.61 7.35
N3 MTA CA . 5.74 18.31 8.45
C4 MTA CA . 4.97 17.86 9.45
O5' ADN DA . 2.18 -16.31 -1.85
C5' ADN DA . 2.07 -14.91 -1.65
C4' ADN DA . 1.06 -14.16 -2.57
O4' ADN DA . 1.25 -14.57 -3.96
C3' ADN DA . -0.44 -14.41 -2.31
O3' ADN DA . -1.07 -13.53 -1.40
C2' ADN DA . -1.08 -14.16 -3.68
O2' ADN DA . -1.42 -12.82 -3.92
C1' ADN DA . 0.01 -14.61 -4.65
N9 ADN DA . -0.22 -15.96 -5.17
C8 ADN DA . -0.80 -17.01 -4.52
N7 ADN DA . -0.85 -18.12 -5.23
C5 ADN DA . -0.27 -17.76 -6.43
C6 ADN DA . -0.02 -18.49 -7.62
N6 ADN DA . -0.33 -19.78 -7.78
N1 ADN DA . 0.57 -17.82 -8.64
C2 ADN DA . 0.90 -16.54 -8.47
N3 ADN DA . 0.72 -15.75 -7.40
C4 ADN DA . 0.11 -16.43 -6.41
ZN ZN EA . 1.40 15.87 20.91
ZN ZN FA . 30.64 13.14 20.56
ZN ZN GA . -3.36 -13.97 13.60
CL CL HA . -7.03 -20.96 -1.07
S SO3 IA . 1.73 27.11 13.06
O1 SO3 IA . 1.51 26.49 14.43
O2 SO3 IA . 2.71 28.35 13.35
O3 SO3 IA . 0.31 27.69 12.69
S SO3 JA . 15.46 -22.56 8.90
O1 SO3 JA . 16.63 -21.60 9.28
O2 SO3 JA . 14.50 -22.88 10.20
O3 SO3 JA . 16.19 -23.80 8.56
C1 GOL KA . 26.29 22.18 16.79
O1 GOL KA . 25.60 21.01 16.33
C2 GOL KA . 26.02 22.52 18.26
O2 GOL KA . 24.62 22.73 18.47
C3 GOL KA . 26.83 23.71 18.74
O3 GOL KA . 26.70 24.86 17.89
C1 GOL LA . 3.60 -4.03 11.14
O1 GOL LA . 4.35 -3.80 9.95
C2 GOL LA . 2.52 -5.12 11.04
O2 GOL LA . 1.28 -4.55 10.63
C3 GOL LA . 2.87 -6.31 10.16
O3 GOL LA . 3.45 -7.39 10.88
C1 GOL MA . 5.83 -28.01 -8.36
O1 GOL MA . 5.52 -29.15 -7.56
C2 GOL MA . 7.30 -27.89 -8.70
O2 GOL MA . 7.45 -27.20 -9.94
C3 GOL MA . 8.00 -29.24 -8.76
O3 GOL MA . 9.21 -29.25 -9.51
C1 GOL NA . 28.00 4.19 14.07
O1 GOL NA . 27.43 4.53 15.33
C2 GOL NA . 27.53 2.83 13.54
O2 GOL NA . 28.26 2.44 12.36
C3 GOL NA . 27.50 1.76 14.63
O3 GOL NA . 27.04 2.30 15.87
C1 PEG OA . 12.09 19.16 15.12
O1 PEG OA . 13.44 19.02 14.71
C2 PEG OA . 11.93 20.17 16.20
O2 PEG OA . 11.89 21.48 15.64
C3 PEG OA . 12.74 22.44 16.25
C4 PEG OA . 14.19 22.02 16.26
O4 PEG OA . 14.62 21.35 15.06
C ACT PA . 6.87 5.16 24.23
O ACT PA . 7.06 6.12 25.00
OXT ACT PA . 6.58 5.27 23.02
CH3 ACT PA . 7.11 3.77 24.79
#